data_4KM2
#
_entry.id   4KM2
#
_cell.length_a   64.160
_cell.length_b   65.280
_cell.length_c   79.750
_cell.angle_alpha   90.00
_cell.angle_beta   90.00
_cell.angle_gamma   90.00
#
_symmetry.space_group_name_H-M   'P 21 21 21'
#
loop_
_entity.id
_entity.type
_entity.pdbx_description
1 polymer 'Dihydrofolate reductase'
2 non-polymer "2'-MONOPHOSPHOADENOSINE-5'-DIPHOSPHATE"
3 non-polymer TRIMETHOPRIM
4 water water
#
_entity_poly.entity_id   1
_entity_poly.type   'polypeptide(L)'
_entity_poly.pdbx_seq_one_letter_code
;MGSSHHHHHHSSGLVPRGSHMVGLIWAQATSGVIGRGGDIPWRLPEDQAHFREITMGHTIVMGRRTWDSLPAKVRPLPGR
RNVVLSRQADFMASGAEVVGSLEEALTSPETWVIGGGQVYALALPYATRCEVTEVDIGLPREAGDALAPVLDETWRGETG
EWRFSRSGLRYRLYSYHRS
;
_entity_poly.pdbx_strand_id   A,B
#
loop_
_chem_comp.id
_chem_comp.type
_chem_comp.name
_chem_comp.formula
ATR non-polymer 2'-MONOPHOSPHOADENOSINE-5'-DIPHOSPHATE 'C10 H16 N5 O13 P3'
TOP non-polymer TRIMETHOPRIM 'C14 H18 N4 O3'
#
# COMPACT_ATOMS: atom_id res chain seq x y z
N MET A 21 10.59 -16.22 -7.12
CA MET A 21 9.86 -16.51 -5.83
C MET A 21 8.36 -16.66 -6.22
N VAL A 22 7.78 -17.83 -5.99
CA VAL A 22 6.32 -18.06 -6.24
C VAL A 22 5.59 -18.05 -4.91
N GLY A 23 4.65 -17.11 -4.79
CA GLY A 23 3.81 -17.01 -3.62
C GLY A 23 2.33 -17.27 -3.94
N LEU A 24 1.56 -17.72 -2.97
CA LEU A 24 0.11 -17.76 -3.10
CA LEU A 24 0.11 -17.75 -3.09
C LEU A 24 -0.49 -16.76 -2.11
N ILE A 25 -1.60 -16.15 -2.45
CA ILE A 25 -2.27 -15.23 -1.57
C ILE A 25 -3.74 -15.53 -1.64
N TRP A 26 -4.40 -15.78 -0.52
CA TRP A 26 -5.82 -16.02 -0.54
C TRP A 26 -6.38 -15.62 0.85
N ALA A 27 -7.70 -15.45 0.90
CA ALA A 27 -8.45 -15.28 2.14
C ALA A 27 -9.43 -16.46 2.30
N GLN A 28 -9.49 -17.05 3.49
CA GLN A 28 -10.39 -18.20 3.75
C GLN A 28 -11.15 -18.02 5.05
N ALA A 29 -12.33 -18.56 5.15
CA ALA A 29 -12.91 -18.84 6.47
C ALA A 29 -12.12 -19.90 7.18
N THR A 30 -12.38 -20.00 8.48
CA THR A 30 -11.69 -20.99 9.26
C THR A 30 -11.86 -22.44 8.67
N SER A 31 -13.04 -22.72 8.09
CA SER A 31 -13.29 -24.03 7.47
C SER A 31 -12.51 -24.33 6.16
N GLY A 32 -11.93 -23.33 5.59
CA GLY A 32 -11.21 -23.41 4.31
C GLY A 32 -12.05 -22.89 3.15
N VAL A 33 -13.29 -22.47 3.37
CA VAL A 33 -14.07 -21.91 2.26
C VAL A 33 -13.46 -20.59 1.76
N ILE A 34 -13.20 -20.47 0.46
CA ILE A 34 -12.72 -19.22 -0.12
C ILE A 34 -13.72 -18.63 -1.09
N GLY A 35 -14.78 -19.38 -1.46
CA GLY A 35 -15.77 -18.91 -2.47
C GLY A 35 -17.06 -19.65 -2.26
N ARG A 36 -18.17 -18.93 -2.47
CA ARG A 36 -19.53 -19.54 -2.44
C ARG A 36 -20.40 -18.79 -3.44
N GLY A 37 -20.91 -19.50 -4.45
CA GLY A 37 -21.64 -18.82 -5.55
C GLY A 37 -20.78 -17.89 -6.38
N GLY A 38 -19.47 -18.14 -6.43
CA GLY A 38 -18.55 -17.30 -7.21
C GLY A 38 -18.14 -16.04 -6.43
N ASP A 39 -18.59 -15.92 -5.19
CA ASP A 39 -18.24 -14.73 -4.37
C ASP A 39 -17.37 -15.11 -3.17
N ILE A 40 -16.48 -14.19 -2.77
CA ILE A 40 -15.86 -14.25 -1.41
C ILE A 40 -17.09 -14.03 -0.44
N PRO A 41 -17.41 -14.95 0.49
CA PRO A 41 -18.71 -14.87 1.24
C PRO A 41 -18.57 -14.00 2.49
N TRP A 42 -17.89 -12.87 2.36
CA TRP A 42 -17.84 -11.86 3.45
C TRP A 42 -17.38 -10.59 2.84
N ARG A 43 -17.41 -9.56 3.67
CA ARG A 43 -16.99 -8.23 3.26
C ARG A 43 -15.84 -7.80 4.17
N LEU A 44 -14.64 -7.54 3.63
CA LEU A 44 -13.48 -7.23 4.53
C LEU A 44 -12.58 -6.26 3.77
N PRO A 45 -12.87 -4.93 3.82
CA PRO A 45 -12.06 -3.88 3.15
C PRO A 45 -10.59 -4.00 3.54
N GLU A 46 -10.34 -4.36 4.81
CA GLU A 46 -8.96 -4.38 5.24
C GLU A 46 -8.14 -5.51 4.51
N ASP A 47 -8.83 -6.61 4.16
CA ASP A 47 -8.19 -7.65 3.36
C ASP A 47 -7.95 -7.18 1.94
N GLN A 48 -8.82 -6.39 1.38
CA GLN A 48 -8.57 -5.85 0.06
C GLN A 48 -7.32 -4.96 0.09
N ALA A 49 -7.09 -4.20 1.19
CA ALA A 49 -5.93 -3.34 1.29
C ALA A 49 -4.69 -4.24 1.41
N HIS A 50 -4.78 -5.27 2.27
CA HIS A 50 -3.65 -6.17 2.42
C HIS A 50 -3.23 -6.85 1.08
N PHE A 51 -4.25 -7.24 0.33
CA PHE A 51 -3.99 -7.90 -0.95
C PHE A 51 -3.23 -6.95 -1.85
N ARG A 52 -3.62 -5.68 -1.91
CA ARG A 52 -2.89 -4.72 -2.75
C ARG A 52 -1.47 -4.53 -2.29
N GLU A 53 -1.29 -4.42 -0.96
CA GLU A 53 0.04 -4.18 -0.40
C GLU A 53 0.98 -5.32 -0.74
N ILE A 54 0.48 -6.58 -0.63
CA ILE A 54 1.40 -7.72 -0.89
C ILE A 54 1.72 -7.81 -2.39
N THR A 55 0.75 -7.51 -3.25
CA THR A 55 0.95 -7.81 -4.70
C THR A 55 1.52 -6.66 -5.50
N MET A 56 1.39 -5.42 -5.01
CA MET A 56 1.71 -4.28 -5.86
C MET A 56 3.16 -4.35 -6.32
N GLY A 57 3.36 -4.00 -7.60
CA GLY A 57 4.70 -4.00 -8.20
C GLY A 57 5.18 -5.35 -8.68
N HIS A 58 4.41 -6.41 -8.45
CA HIS A 58 4.85 -7.75 -8.82
C HIS A 58 3.99 -8.39 -9.89
N THR A 59 4.42 -9.52 -10.36
CA THR A 59 3.56 -10.28 -11.26
C THR A 59 2.44 -10.99 -10.54
N ILE A 60 1.20 -10.97 -11.07
CA ILE A 60 0.11 -11.70 -10.49
C ILE A 60 -0.37 -12.72 -11.51
N VAL A 61 -0.78 -13.91 -11.09
CA VAL A 61 -1.26 -14.99 -12.04
C VAL A 61 -2.61 -15.38 -11.57
N MET A 62 -3.55 -15.48 -12.50
CA MET A 62 -4.90 -15.94 -12.20
C MET A 62 -5.38 -16.83 -13.31
N GLY A 63 -6.29 -17.71 -12.96
CA GLY A 63 -7.02 -18.52 -13.95
C GLY A 63 -7.93 -17.71 -14.85
N ARG A 64 -8.23 -18.20 -16.04
CA ARG A 64 -9.13 -17.50 -16.94
C ARG A 64 -10.55 -17.27 -16.35
N ARG A 65 -11.04 -18.23 -15.57
CA ARG A 65 -12.42 -18.07 -15.08
C ARG A 65 -12.40 -16.88 -14.11
N THR A 66 -11.33 -16.75 -13.34
CA THR A 66 -11.20 -15.64 -12.38
C THR A 66 -11.12 -14.29 -13.14
N TRP A 67 -10.24 -14.23 -14.14
CA TRP A 67 -10.23 -13.03 -15.00
C TRP A 67 -11.62 -12.63 -15.53
N ASP A 68 -12.31 -13.63 -16.11
CA ASP A 68 -13.61 -13.37 -16.76
C ASP A 68 -14.62 -12.86 -15.74
N SER A 69 -14.41 -13.17 -14.46
CA SER A 69 -15.37 -12.77 -13.43
C SER A 69 -15.20 -11.35 -12.96
N LEU A 70 -14.09 -10.75 -13.35
CA LEU A 70 -13.82 -9.39 -12.85
C LEU A 70 -14.55 -8.33 -13.68
N PRO A 71 -15.07 -7.25 -13.04
CA PRO A 71 -15.62 -6.12 -13.83
C PRO A 71 -14.55 -5.56 -14.75
N ALA A 72 -14.96 -5.12 -15.96
CA ALA A 72 -14.03 -4.59 -16.91
C ALA A 72 -13.16 -3.47 -16.32
N LYS A 73 -13.69 -2.67 -15.39
CA LYS A 73 -12.98 -1.49 -14.85
CA LYS A 73 -12.85 -1.56 -14.98
CA LYS A 73 -12.91 -1.51 -14.95
C LYS A 73 -11.91 -1.89 -13.84
N VAL A 74 -11.93 -3.19 -13.44
CA VAL A 74 -11.03 -3.61 -12.36
C VAL A 74 -9.92 -4.55 -12.86
N ARG A 75 -10.01 -4.89 -14.16
CA ARG A 75 -8.97 -5.68 -14.77
C ARG A 75 -8.36 -4.91 -15.95
N PRO A 76 -7.08 -5.06 -16.25
CA PRO A 76 -6.11 -5.68 -15.39
C PRO A 76 -5.90 -4.92 -14.08
N LEU A 77 -5.41 -5.68 -13.09
CA LEU A 77 -5.08 -5.05 -11.81
C LEU A 77 -3.94 -4.08 -12.02
N PRO A 78 -4.14 -2.79 -11.66
CA PRO A 78 -3.09 -1.81 -11.99
C PRO A 78 -1.81 -1.96 -11.17
N GLY A 79 -0.69 -1.56 -11.75
CA GLY A 79 0.54 -1.58 -11.06
C GLY A 79 1.21 -2.93 -10.89
N ARG A 80 0.64 -3.94 -11.56
CA ARG A 80 1.14 -5.35 -11.49
C ARG A 80 1.11 -5.96 -12.92
N ARG A 81 2.06 -6.81 -13.22
CA ARG A 81 2.06 -7.54 -14.49
C ARG A 81 1.04 -8.66 -14.36
N ASN A 82 0.00 -8.62 -15.18
CA ASN A 82 -1.12 -9.58 -15.08
C ASN A 82 -0.89 -10.74 -16.07
N VAL A 83 -0.94 -11.93 -15.51
CA VAL A 83 -0.81 -13.14 -16.30
C VAL A 83 -2.07 -14.01 -16.13
N VAL A 84 -2.71 -14.45 -17.22
CA VAL A 84 -3.93 -15.24 -17.20
C VAL A 84 -3.57 -16.61 -17.77
N LEU A 85 -3.86 -17.66 -16.99
CA LEU A 85 -3.72 -19.02 -17.53
C LEU A 85 -4.97 -19.50 -18.27
N SER A 86 -4.86 -19.93 -19.57
CA SER A 86 -6.04 -20.42 -20.28
C SER A 86 -5.56 -21.50 -21.22
N ARG A 87 -6.48 -22.40 -21.59
CA ARG A 87 -6.31 -23.32 -22.71
C ARG A 87 -6.95 -22.78 -24.01
N GLN A 88 -7.57 -21.60 -23.97
CA GLN A 88 -8.19 -21.04 -25.16
C GLN A 88 -7.13 -20.15 -25.84
N ALA A 89 -6.59 -20.63 -26.96
CA ALA A 89 -5.52 -19.92 -27.60
C ALA A 89 -5.99 -18.52 -28.09
N ASP A 90 -7.27 -18.32 -28.43
CA ASP A 90 -7.71 -17.00 -28.90
C ASP A 90 -8.26 -16.11 -27.84
N PHE A 91 -8.05 -16.41 -26.58
CA PHE A 91 -8.61 -15.60 -25.54
C PHE A 91 -8.00 -14.19 -25.59
N MET A 92 -8.83 -13.16 -25.38
CA MET A 92 -8.37 -11.76 -25.40
C MET A 92 -8.43 -11.24 -23.99
N ALA A 93 -7.28 -10.91 -23.44
CA ALA A 93 -7.24 -10.39 -22.09
C ALA A 93 -6.55 -9.07 -22.19
N SER A 94 -7.37 -8.05 -22.38
CA SER A 94 -6.89 -6.69 -22.54
C SER A 94 -6.01 -6.22 -21.35
N GLY A 95 -4.75 -5.92 -21.62
CA GLY A 95 -3.84 -5.42 -20.56
C GLY A 95 -3.13 -6.52 -19.81
N ALA A 96 -3.33 -7.80 -20.24
CA ALA A 96 -2.65 -8.92 -19.61
C ALA A 96 -1.96 -9.75 -20.68
N GLU A 97 -1.20 -10.73 -20.26
CA GLU A 97 -0.65 -11.81 -21.10
C GLU A 97 -1.40 -13.08 -20.78
N VAL A 98 -1.53 -13.93 -21.80
CA VAL A 98 -2.24 -15.23 -21.68
C VAL A 98 -1.21 -16.33 -21.91
N VAL A 99 -1.05 -17.23 -20.93
CA VAL A 99 -0.11 -18.35 -21.06
C VAL A 99 -0.91 -19.65 -20.98
N GLY A 100 -0.37 -20.69 -21.61
CA GLY A 100 -1.07 -21.95 -21.82
C GLY A 100 -0.53 -23.01 -20.87
N SER A 101 0.38 -22.69 -19.93
CA SER A 101 0.91 -23.71 -18.97
C SER A 101 1.35 -22.93 -17.76
N LEU A 102 1.39 -23.59 -16.59
CA LEU A 102 1.88 -22.92 -15.40
C LEU A 102 3.36 -22.53 -15.50
N GLU A 103 4.21 -23.39 -16.08
CA GLU A 103 5.68 -23.08 -16.16
C GLU A 103 5.89 -21.67 -16.71
N GLU A 104 5.15 -21.33 -17.79
CA GLU A 104 5.40 -20.05 -18.39
C GLU A 104 4.82 -18.93 -17.59
N ALA A 105 3.87 -19.27 -16.70
CA ALA A 105 3.33 -18.27 -15.78
C ALA A 105 4.30 -17.85 -14.63
N LEU A 106 5.37 -18.64 -14.38
CA LEU A 106 6.22 -18.38 -13.19
C LEU A 106 7.66 -17.94 -13.50
N THR A 107 7.86 -17.19 -14.54
CA THR A 107 9.21 -16.80 -14.85
C THR A 107 9.62 -15.39 -14.31
N SER A 108 8.69 -14.62 -13.72
CA SER A 108 9.10 -13.29 -13.16
C SER A 108 9.98 -13.42 -11.89
N PRO A 109 10.71 -12.34 -11.48
CA PRO A 109 11.44 -12.44 -10.19
C PRO A 109 10.51 -12.73 -8.99
N GLU A 110 9.27 -12.25 -9.04
CA GLU A 110 8.34 -12.49 -7.95
C GLU A 110 6.90 -12.56 -8.48
N THR A 111 6.27 -13.65 -8.13
CA THR A 111 4.96 -13.95 -8.69
C THR A 111 4.02 -14.27 -7.56
N TRP A 112 2.81 -13.70 -7.57
CA TRP A 112 1.72 -14.01 -6.66
C TRP A 112 0.58 -14.64 -7.39
N VAL A 113 0.20 -15.83 -7.00
CA VAL A 113 -0.97 -16.51 -7.53
C VAL A 113 -2.21 -16.10 -6.73
N ILE A 114 -3.20 -15.55 -7.41
CA ILE A 114 -4.31 -14.89 -6.74
C ILE A 114 -5.65 -15.57 -6.95
N GLY A 115 -5.66 -16.73 -7.60
CA GLY A 115 -6.84 -17.56 -7.66
C GLY A 115 -7.07 -18.06 -9.07
N GLY A 116 -8.06 -18.93 -9.30
CA GLY A 116 -8.98 -19.43 -8.25
C GLY A 116 -8.48 -20.77 -7.74
N GLY A 117 -9.39 -21.52 -7.14
CA GLY A 117 -9.02 -22.78 -6.46
C GLY A 117 -8.21 -23.71 -7.35
N GLN A 118 -8.52 -23.71 -8.65
CA GLN A 118 -7.89 -24.61 -9.62
C GLN A 118 -6.36 -24.28 -9.75
N VAL A 119 -6.08 -22.99 -9.93
CA VAL A 119 -4.73 -22.50 -10.15
C VAL A 119 -3.94 -22.56 -8.81
N TYR A 120 -4.61 -22.29 -7.68
CA TYR A 120 -3.89 -22.48 -6.41
C TYR A 120 -3.34 -23.92 -6.29
N ALA A 121 -4.14 -24.92 -6.69
CA ALA A 121 -3.73 -26.35 -6.60
C ALA A 121 -2.53 -26.58 -7.47
N LEU A 122 -2.64 -26.08 -8.68
CA LEU A 122 -1.58 -26.26 -9.65
C LEU A 122 -0.23 -25.67 -9.21
N ALA A 123 -0.27 -24.47 -8.62
CA ALA A 123 0.92 -23.72 -8.25
C ALA A 123 1.49 -24.13 -6.87
N LEU A 124 0.67 -24.69 -5.99
CA LEU A 124 1.11 -25.07 -4.62
C LEU A 124 2.48 -25.73 -4.61
N PRO A 125 2.71 -26.73 -5.48
CA PRO A 125 4.02 -27.43 -5.35
C PRO A 125 5.20 -26.54 -5.61
N TYR A 126 4.97 -25.48 -6.37
CA TYR A 126 6.05 -24.53 -6.66
C TYR A 126 6.27 -23.35 -5.66
N ALA A 127 5.27 -23.16 -4.78
CA ALA A 127 5.27 -21.98 -3.93
C ALA A 127 6.27 -22.13 -2.81
N THR A 128 6.89 -21.02 -2.44
CA THR A 128 7.78 -20.89 -1.30
C THR A 128 7.29 -19.81 -0.31
N ARG A 129 6.13 -19.22 -0.60
CA ARG A 129 5.48 -18.32 0.34
C ARG A 129 4.03 -18.42 0.22
N CYS A 130 3.33 -18.26 1.36
CA CYS A 130 1.89 -18.07 1.36
C CYS A 130 1.56 -16.87 2.24
N GLU A 131 0.64 -16.04 1.76
CA GLU A 131 0.12 -14.91 2.57
C GLU A 131 -1.39 -15.18 2.63
N VAL A 132 -1.82 -15.63 3.81
CA VAL A 132 -3.23 -16.04 3.99
C VAL A 132 -3.95 -15.09 4.95
N THR A 133 -5.19 -14.75 4.64
CA THR A 133 -6.06 -14.11 5.59
C THR A 133 -7.02 -15.12 6.07
N GLU A 134 -7.03 -15.40 7.38
CA GLU A 134 -8.06 -16.22 7.96
C GLU A 134 -9.16 -15.35 8.55
N VAL A 135 -10.41 -15.63 8.14
CA VAL A 135 -11.55 -14.79 8.58
C VAL A 135 -12.27 -15.62 9.60
N ASP A 136 -12.52 -15.07 10.80
CA ASP A 136 -13.14 -15.87 11.89
C ASP A 136 -14.69 -15.88 11.66
N ILE A 137 -15.13 -16.61 10.64
CA ILE A 137 -16.56 -16.76 10.25
C ILE A 137 -16.81 -18.27 10.11
N GLY A 138 -17.87 -18.76 10.77
CA GLY A 138 -18.21 -20.21 10.88
C GLY A 138 -19.02 -20.76 9.74
N LEU A 139 -18.54 -20.65 8.52
CA LEU A 139 -19.14 -21.18 7.30
C LEU A 139 -18.71 -22.61 7.07
N PRO A 140 -19.60 -23.56 7.34
CA PRO A 140 -19.17 -24.94 7.10
C PRO A 140 -19.05 -25.20 5.64
N ARG A 141 -18.19 -26.10 5.20
CA ARG A 141 -18.10 -26.35 3.77
C ARG A 141 -19.46 -26.90 3.23
N GLU A 142 -19.90 -26.38 2.09
CA GLU A 142 -21.24 -26.71 1.54
C GLU A 142 -21.02 -27.05 0.09
N ALA A 143 -21.97 -27.80 -0.48
CA ALA A 143 -21.93 -28.14 -1.89
C ALA A 143 -21.74 -26.83 -2.66
N GLY A 144 -20.88 -26.90 -3.68
CA GLY A 144 -20.60 -25.74 -4.48
C GLY A 144 -19.49 -24.80 -3.99
N ASP A 145 -19.06 -24.93 -2.70
CA ASP A 145 -17.97 -24.03 -2.21
C ASP A 145 -16.64 -24.32 -2.91
N ALA A 146 -15.86 -23.26 -3.11
CA ALA A 146 -14.44 -23.31 -3.44
C ALA A 146 -13.64 -23.36 -2.13
N LEU A 147 -12.60 -24.20 -2.17
CA LEU A 147 -11.81 -24.46 -0.96
C LEU A 147 -10.34 -24.07 -1.12
N ALA A 148 -9.74 -23.64 0.01
CA ALA A 148 -8.33 -23.25 0.03
C ALA A 148 -7.42 -24.49 -0.16
N PRO A 149 -6.22 -24.27 -0.68
CA PRO A 149 -5.25 -25.34 -0.59
C PRO A 149 -4.88 -25.64 0.89
N VAL A 150 -4.38 -26.84 1.14
CA VAL A 150 -4.06 -27.25 2.44
C VAL A 150 -2.56 -27.01 2.68
N LEU A 151 -2.30 -26.34 3.80
CA LEU A 151 -0.92 -26.08 4.25
C LEU A 151 -0.35 -27.29 5.02
N ASP A 152 0.72 -27.86 4.47
CA ASP A 152 1.28 -29.05 5.07
C ASP A 152 2.40 -28.70 6.06
N GLU A 153 3.02 -29.73 6.63
CA GLU A 153 4.02 -29.60 7.69
C GLU A 153 5.33 -28.97 7.21
N THR A 154 5.46 -28.64 5.91
CA THR A 154 6.75 -28.08 5.43
C THR A 154 6.84 -26.57 5.67
N TRP A 155 5.68 -25.96 5.89
CA TRP A 155 5.62 -24.47 6.09
C TRP A 155 6.03 -23.98 7.47
N ARG A 156 6.65 -22.78 7.56
CA ARG A 156 6.86 -22.15 8.88
C ARG A 156 6.54 -20.69 8.70
N GLY A 157 6.25 -20.02 9.81
CA GLY A 157 6.21 -18.54 9.85
C GLY A 157 5.22 -18.01 10.85
N GLU A 158 4.76 -16.79 10.62
CA GLU A 158 4.01 -16.08 11.63
C GLU A 158 2.49 -16.26 11.44
N THR A 159 1.76 -16.64 12.49
CA THR A 159 0.29 -16.56 12.52
C THR A 159 0.01 -15.28 13.29
N GLY A 160 -0.46 -14.23 12.64
CA GLY A 160 -0.54 -12.88 13.22
C GLY A 160 -1.65 -12.87 14.31
N GLU A 161 -1.71 -11.85 15.16
CA GLU A 161 -2.79 -11.65 16.11
C GLU A 161 -4.09 -11.32 15.43
N TRP A 162 -5.18 -11.86 16.01
CA TRP A 162 -6.52 -11.48 15.55
C TRP A 162 -6.73 -9.99 15.66
N ARG A 163 -7.43 -9.44 14.68
CA ARG A 163 -7.82 -8.00 14.70
C ARG A 163 -9.28 -7.88 14.40
N PHE A 164 -9.98 -6.91 14.98
CA PHE A 164 -11.34 -6.66 14.50
C PHE A 164 -11.30 -5.70 13.33
N SER A 165 -12.04 -6.05 12.28
CA SER A 165 -12.21 -5.12 11.19
C SER A 165 -13.17 -4.01 11.67
N ARG A 166 -13.31 -2.99 10.83
CA ARG A 166 -14.17 -1.87 11.18
C ARG A 166 -15.58 -2.31 11.42
N SER A 167 -16.06 -3.36 10.74
CA SER A 167 -17.43 -3.87 10.98
C SER A 167 -17.57 -4.84 12.14
N GLY A 168 -16.46 -5.27 12.72
CA GLY A 168 -16.51 -6.23 13.85
C GLY A 168 -16.16 -7.67 13.45
N LEU A 169 -15.96 -7.92 12.17
CA LEU A 169 -15.50 -9.24 11.73
C LEU A 169 -14.01 -9.43 12.08
N ARG A 170 -13.67 -10.56 12.69
CA ARG A 170 -12.29 -10.76 13.16
C ARG A 170 -11.47 -11.48 12.05
N TYR A 171 -10.23 -11.10 11.83
CA TYR A 171 -9.36 -11.66 10.83
C TYR A 171 -7.92 -11.67 11.36
N ARG A 172 -7.13 -12.61 10.80
CA ARG A 172 -5.68 -12.57 11.15
C ARG A 172 -4.89 -13.01 9.88
N LEU A 173 -3.61 -12.64 9.87
CA LEU A 173 -2.77 -12.90 8.66
C LEU A 173 -1.70 -13.95 8.96
N TYR A 174 -1.65 -14.96 8.11
CA TYR A 174 -0.53 -15.88 8.07
C TYR A 174 0.52 -15.43 7.06
N SER A 175 1.79 -15.47 7.45
CA SER A 175 2.89 -15.21 6.54
CA SER A 175 2.88 -15.21 6.55
C SER A 175 3.85 -16.37 6.62
N TYR A 176 3.65 -17.38 5.74
CA TYR A 176 4.45 -18.57 5.86
C TYR A 176 5.39 -18.73 4.67
N HIS A 177 6.40 -19.53 4.90
CA HIS A 177 7.53 -19.71 3.95
C HIS A 177 8.10 -21.12 4.03
N ARG A 178 8.81 -21.51 2.97
CA ARG A 178 9.59 -22.71 3.02
C ARG A 178 10.63 -22.66 1.93
N SER A 179 11.62 -23.55 2.00
CA SER A 179 12.57 -23.80 0.88
C SER A 179 11.81 -24.52 -0.27
N MET B 21 2.83 17.92 -11.42
CA MET B 21 1.91 17.89 -10.24
C MET B 21 2.80 18.00 -8.99
N VAL B 22 2.58 19.00 -8.16
CA VAL B 22 3.28 19.17 -6.85
C VAL B 22 2.26 18.87 -5.76
N GLY B 23 2.60 17.92 -4.89
CA GLY B 23 1.71 17.56 -3.76
C GLY B 23 2.44 17.66 -2.44
N LEU B 24 1.73 17.99 -1.38
CA LEU B 24 2.23 17.89 -0.01
C LEU B 24 1.60 16.73 0.68
N ILE B 25 2.38 16.03 1.53
CA ILE B 25 1.81 14.94 2.33
C ILE B 25 2.26 15.12 3.80
N TRP B 26 1.32 14.98 4.71
CA TRP B 26 1.64 15.02 6.12
C TRP B 26 0.55 14.33 6.94
N ALA B 27 0.89 14.07 8.23
CA ALA B 27 -0.05 13.51 9.20
C ALA B 27 -0.14 14.49 10.37
N GLN B 28 -1.36 14.83 10.73
CA GLN B 28 -1.51 15.84 11.84
C GLN B 28 -2.51 15.40 12.87
N ALA B 29 -2.32 15.87 14.10
CA ALA B 29 -3.41 15.78 15.09
C ALA B 29 -4.50 16.84 14.68
N THR B 30 -5.72 16.75 15.24
CA THR B 30 -6.76 17.72 14.94
C THR B 30 -6.31 19.19 15.11
N SER B 31 -5.40 19.37 16.07
CA SER B 31 -4.87 20.74 16.36
C SER B 31 -3.91 21.26 15.28
N GLY B 32 -3.44 20.40 14.38
CA GLY B 32 -2.42 20.83 13.42
C GLY B 32 -1.00 20.44 13.81
N VAL B 33 -0.77 19.86 15.01
CA VAL B 33 0.61 19.42 15.33
C VAL B 33 0.98 18.26 14.45
N ILE B 34 2.18 18.34 13.85
CA ILE B 34 2.71 17.18 13.10
C ILE B 34 4.01 16.63 13.69
N GLY B 35 4.62 17.39 14.62
CA GLY B 35 5.85 16.93 15.24
C GLY B 35 6.08 17.66 16.54
N ARG B 36 6.74 17.00 17.48
CA ARG B 36 7.16 17.65 18.74
C ARG B 36 8.51 17.02 19.05
N GLY B 37 9.50 17.86 19.35
CA GLY B 37 10.86 17.35 19.64
C GLY B 37 11.51 16.64 18.43
N GLY B 38 11.02 16.90 17.22
CA GLY B 38 11.47 16.13 15.99
C GLY B 38 10.76 14.81 15.73
N ASP B 39 9.84 14.40 16.61
CA ASP B 39 9.16 13.10 16.41
C ASP B 39 7.69 13.30 16.02
N ILE B 40 7.21 12.42 15.13
CA ILE B 40 5.74 12.36 14.99
C ILE B 40 5.24 11.88 16.39
N PRO B 41 4.20 12.52 16.96
CA PRO B 41 3.90 12.24 18.43
C PRO B 41 3.03 11.03 18.69
N TRP B 42 2.82 10.13 17.75
CA TRP B 42 2.03 8.91 17.87
C TRP B 42 2.72 7.90 17.03
N ARG B 43 2.20 6.67 17.06
CA ARG B 43 2.69 5.59 16.27
C ARG B 43 1.51 5.02 15.49
N LEU B 44 1.58 5.08 14.16
CA LEU B 44 0.44 4.71 13.34
C LEU B 44 0.90 3.95 12.08
N PRO B 45 0.97 2.61 12.14
CA PRO B 45 1.41 1.78 11.01
C PRO B 45 0.65 2.12 9.73
N GLU B 46 -0.66 2.34 9.84
CA GLU B 46 -1.43 2.55 8.61
C GLU B 46 -1.03 3.85 7.92
N ASP B 47 -0.62 4.86 8.69
CA ASP B 47 -0.09 6.09 8.06
C ASP B 47 1.26 5.85 7.36
N GLN B 48 2.13 5.10 7.95
CA GLN B 48 3.37 4.80 7.34
C GLN B 48 3.05 3.98 6.00
N ALA B 49 2.08 3.05 5.95
CA ALA B 49 1.77 2.38 4.74
C ALA B 49 1.19 3.32 3.71
N HIS B 50 0.34 4.25 4.20
CA HIS B 50 -0.27 5.25 3.29
C HIS B 50 0.79 6.16 2.62
N PHE B 51 1.74 6.60 3.42
CA PHE B 51 2.81 7.48 2.94
C PHE B 51 3.56 6.73 1.82
N ARG B 52 3.91 5.46 2.05
CA ARG B 52 4.55 4.66 1.00
C ARG B 52 3.71 4.53 -0.24
N GLU B 53 2.39 4.26 -0.05
CA GLU B 53 1.55 4.03 -1.23
C GLU B 53 1.47 5.32 -2.09
N ILE B 54 1.37 6.49 -1.42
CA ILE B 54 1.28 7.77 -2.18
C ILE B 54 2.56 8.13 -2.90
N THR B 55 3.68 7.96 -2.22
CA THR B 55 4.92 8.49 -2.75
C THR B 55 5.72 7.55 -3.63
N MET B 56 5.42 6.24 -3.56
CA MET B 56 6.27 5.25 -4.22
C MET B 56 6.30 5.43 -5.73
N GLY B 57 7.52 5.44 -6.29
CA GLY B 57 7.64 5.65 -7.72
C GLY B 57 7.66 7.07 -8.21
N HIS B 58 7.61 8.04 -7.29
CA HIS B 58 7.57 9.46 -7.64
C HIS B 58 8.80 10.13 -7.05
N THR B 59 8.90 11.41 -7.34
CA THR B 59 9.98 12.27 -6.76
C THR B 59 9.49 12.69 -5.38
N ILE B 60 10.37 12.60 -4.38
CA ILE B 60 10.08 13.22 -3.07
C ILE B 60 11.09 14.34 -2.80
N VAL B 61 10.61 15.43 -2.24
CA VAL B 61 11.41 16.59 -1.93
C VAL B 61 11.40 16.80 -0.41
N MET B 62 12.54 17.07 0.18
CA MET B 62 12.64 17.32 1.61
C MET B 62 13.68 18.45 1.79
N GLY B 63 13.53 19.25 2.86
CA GLY B 63 14.58 20.15 3.24
C GLY B 63 15.80 19.41 3.76
N ARG B 64 16.92 20.14 3.76
CA ARG B 64 18.18 19.60 4.32
C ARG B 64 18.04 19.18 5.78
N ARG B 65 17.32 19.97 6.57
CA ARG B 65 17.29 19.55 8.02
C ARG B 65 16.48 18.22 8.09
N THR B 66 15.45 18.04 7.27
CA THR B 66 14.68 16.79 7.30
C THR B 66 15.55 15.57 6.81
N TRP B 67 16.38 15.77 5.76
CA TRP B 67 17.34 14.70 5.43
C TRP B 67 18.27 14.41 6.62
N ASP B 68 18.78 15.45 7.29
CA ASP B 68 19.69 15.25 8.42
C ASP B 68 18.99 14.46 9.54
N SER B 69 17.67 14.63 9.69
CA SER B 69 16.92 13.94 10.74
C SER B 69 16.67 12.49 10.42
N LEU B 70 16.84 12.02 9.19
CA LEU B 70 16.60 10.62 8.87
C LEU B 70 17.84 9.81 9.30
N PRO B 71 17.62 8.63 9.89
CA PRO B 71 18.78 7.79 10.15
C PRO B 71 19.62 7.56 8.94
N ALA B 72 20.92 7.41 9.12
CA ALA B 72 21.81 7.17 8.00
C ALA B 72 21.43 5.95 7.15
N LYS B 73 20.91 4.92 7.77
CA LYS B 73 20.50 3.70 7.09
C LYS B 73 19.12 3.80 6.42
N VAL B 74 18.37 4.85 6.73
CA VAL B 74 16.99 5.01 6.21
C VAL B 74 16.95 5.89 4.95
N ARG B 75 17.92 6.78 4.84
CA ARG B 75 18.00 7.76 3.71
C ARG B 75 19.02 7.22 2.74
N PRO B 76 18.75 7.35 1.41
CA PRO B 76 17.51 7.86 0.81
C PRO B 76 16.40 6.85 0.89
N LEU B 77 15.17 7.37 0.84
CA LEU B 77 14.03 6.45 0.84
CA LEU B 77 14.00 6.48 0.81
C LEU B 77 13.99 5.65 -0.47
N PRO B 78 13.91 4.31 -0.40
CA PRO B 78 14.04 3.55 -1.64
C PRO B 78 12.84 3.68 -2.56
N GLY B 79 13.03 3.41 -3.86
CA GLY B 79 11.92 3.39 -4.84
C GLY B 79 11.40 4.76 -5.24
N ARG B 80 12.04 5.86 -4.76
CA ARG B 80 11.61 7.22 -5.08
C ARG B 80 12.86 8.03 -5.39
N ARG B 81 12.70 9.00 -6.28
CA ARG B 81 13.78 9.89 -6.58
C ARG B 81 13.93 10.94 -5.43
N ASN B 82 14.97 10.85 -4.60
CA ASN B 82 15.04 11.75 -3.44
C ASN B 82 15.72 13.06 -3.81
N VAL B 83 15.10 14.21 -3.46
CA VAL B 83 15.69 15.53 -3.76
C VAL B 83 15.78 16.23 -2.40
N VAL B 84 16.92 16.82 -2.12
CA VAL B 84 17.18 17.60 -0.91
C VAL B 84 17.41 19.04 -1.36
N LEU B 85 16.64 19.96 -0.68
CA LEU B 85 16.81 21.32 -0.95
C LEU B 85 17.82 21.95 0.07
N SER B 86 18.92 22.58 -0.44
CA SER B 86 19.92 23.17 0.44
C SER B 86 20.61 24.28 -0.33
N ARG B 87 21.16 25.25 0.41
CA ARG B 87 22.06 26.25 -0.24
C ARG B 87 23.52 25.89 0.02
N GLN B 88 23.81 24.70 0.56
CA GLN B 88 25.20 24.28 0.82
CA GLN B 88 25.20 24.31 0.81
C GLN B 88 25.66 23.51 -0.41
N ALA B 89 26.49 24.12 -1.26
CA ALA B 89 26.94 23.49 -2.47
C ALA B 89 27.69 22.21 -2.24
N ASP B 90 28.30 22.06 -1.07
CA ASP B 90 29.08 20.83 -0.86
C ASP B 90 28.32 19.84 0.01
N PHE B 91 26.99 19.99 0.08
CA PHE B 91 26.24 19.06 0.97
C PHE B 91 26.36 17.64 0.38
N MET B 92 26.48 16.66 1.25
CA MET B 92 26.63 15.29 0.78
C MET B 92 25.34 14.58 1.10
N ALA B 93 24.57 14.24 0.07
CA ALA B 93 23.28 13.45 0.20
C ALA B 93 23.46 12.23 -0.67
N SER B 94 24.22 11.29 -0.11
CA SER B 94 24.47 10.03 -0.80
C SER B 94 23.23 9.28 -1.29
N GLY B 95 23.10 9.06 -2.64
CA GLY B 95 21.95 8.28 -3.17
C GLY B 95 20.76 9.19 -3.50
N ALA B 96 20.97 10.51 -3.28
CA ALA B 96 19.94 11.50 -3.58
C ALA B 96 20.60 12.61 -4.41
N GLU B 97 19.89 13.69 -4.65
CA GLU B 97 20.42 14.85 -5.37
C GLU B 97 20.13 16.08 -4.52
N VAL B 98 20.95 17.10 -4.69
CA VAL B 98 20.76 18.34 -3.94
C VAL B 98 20.44 19.46 -5.00
N VAL B 99 19.37 20.23 -4.69
CA VAL B 99 19.04 21.36 -5.57
C VAL B 99 19.06 22.61 -4.70
N GLY B 100 19.45 23.74 -5.29
CA GLY B 100 19.68 25.04 -4.61
C GLY B 100 18.38 25.89 -4.61
N SER B 101 17.33 25.42 -5.29
CA SER B 101 16.09 26.26 -5.40
C SER B 101 14.96 25.29 -5.61
N LEU B 102 13.77 25.59 -5.16
CA LEU B 102 12.76 24.55 -5.29
C LEU B 102 12.26 24.21 -6.72
N GLU B 103 12.21 25.20 -7.59
CA GLU B 103 11.70 24.98 -8.95
C GLU B 103 12.47 23.88 -9.69
N GLU B 104 13.78 23.75 -9.38
CA GLU B 104 14.62 22.88 -10.13
C GLU B 104 14.20 21.42 -9.93
N ALA B 105 13.74 21.08 -8.74
CA ALA B 105 13.23 19.70 -8.38
C ALA B 105 12.04 19.21 -9.25
N LEU B 106 11.25 20.16 -9.75
CA LEU B 106 9.88 19.85 -10.22
C LEU B 106 9.66 19.33 -11.65
N THR B 107 10.31 18.24 -12.00
CA THR B 107 10.65 17.99 -13.37
C THR B 107 9.96 16.65 -13.71
N SER B 108 9.49 16.00 -12.63
CA SER B 108 8.95 14.66 -12.76
C SER B 108 7.43 14.81 -12.82
N PRO B 109 6.70 13.78 -13.30
CA PRO B 109 5.22 13.91 -13.33
C PRO B 109 4.58 14.22 -11.95
N GLU B 110 5.05 13.58 -10.89
CA GLU B 110 4.55 13.88 -9.58
C GLU B 110 5.74 14.11 -8.64
N THR B 111 5.58 15.17 -7.88
CA THR B 111 6.57 15.51 -6.82
C THR B 111 5.76 15.59 -5.53
N TRP B 112 6.21 14.89 -4.48
CA TRP B 112 5.61 14.93 -3.12
C TRP B 112 6.59 15.53 -2.16
N VAL B 113 6.18 16.61 -1.51
CA VAL B 113 6.99 17.29 -0.52
C VAL B 113 6.67 16.66 0.84
N ILE B 114 7.66 16.16 1.55
CA ILE B 114 7.48 15.36 2.73
C ILE B 114 7.98 15.97 4.04
N GLY B 115 8.45 17.20 3.94
CA GLY B 115 8.85 18.08 5.10
C GLY B 115 10.17 18.82 4.86
N GLY B 116 10.58 19.74 5.76
CA GLY B 116 9.83 20.08 7.02
C GLY B 116 9.01 21.34 6.80
N GLY B 117 8.94 22.16 7.86
CA GLY B 117 8.10 23.34 7.78
C GLY B 117 8.56 24.34 6.73
N GLN B 118 9.86 24.50 6.62
CA GLN B 118 10.32 25.52 5.66
C GLN B 118 10.03 25.11 4.24
N VAL B 119 10.26 23.84 3.89
CA VAL B 119 9.99 23.42 2.53
C VAL B 119 8.49 23.30 2.21
N TYR B 120 7.68 22.86 3.19
CA TYR B 120 6.23 22.91 2.97
C TYR B 120 5.79 24.35 2.66
N ALA B 121 6.33 25.39 3.37
CA ALA B 121 5.93 26.76 3.10
C ALA B 121 6.37 27.20 1.71
N LEU B 122 7.57 26.80 1.27
CA LEU B 122 8.04 27.22 -0.03
CA LEU B 122 8.06 27.18 -0.06
C LEU B 122 7.22 26.51 -1.14
N ALA B 123 6.80 25.25 -0.93
CA ALA B 123 6.13 24.48 -1.97
C ALA B 123 4.62 24.76 -2.01
N LEU B 124 4.06 25.21 -0.88
CA LEU B 124 2.57 25.39 -0.78
C LEU B 124 2.01 26.17 -2.00
N PRO B 125 2.65 27.31 -2.38
CA PRO B 125 2.02 28.06 -3.49
C PRO B 125 1.96 27.29 -4.81
N TYR B 126 2.91 26.38 -5.01
CA TYR B 126 2.94 25.48 -6.19
C TYR B 126 2.04 24.25 -6.11
N ALA B 127 1.60 23.94 -4.87
CA ALA B 127 0.89 22.67 -4.70
C ALA B 127 -0.53 22.67 -5.24
N THR B 128 -0.94 21.54 -5.83
CA THR B 128 -2.29 21.35 -6.30
C THR B 128 -2.93 20.10 -5.69
N ARG B 129 -2.17 19.40 -4.82
CA ARG B 129 -2.76 18.32 -4.04
C ARG B 129 -2.17 18.28 -2.63
N CYS B 130 -2.97 17.91 -1.62
CA CYS B 130 -2.44 17.53 -0.33
C CYS B 130 -3.07 16.19 0.03
N GLU B 131 -2.26 15.29 0.57
CA GLU B 131 -2.71 14.07 1.14
C GLU B 131 -2.45 14.17 2.66
N VAL B 132 -3.55 14.19 3.41
CA VAL B 132 -3.48 14.54 4.83
C VAL B 132 -4.02 13.35 5.61
N THR B 133 -3.27 12.88 6.59
CA THR B 133 -3.81 11.89 7.56
C THR B 133 -4.18 12.73 8.80
N GLU B 134 -5.42 12.61 9.27
CA GLU B 134 -5.81 13.24 10.51
C GLU B 134 -5.90 12.23 11.62
N VAL B 135 -5.20 12.42 12.71
CA VAL B 135 -5.22 11.49 13.85
C VAL B 135 -6.09 12.14 14.88
N ASP B 136 -7.05 11.35 15.38
CA ASP B 136 -8.07 11.91 16.35
C ASP B 136 -7.44 11.87 17.75
N ILE B 137 -6.58 12.86 18.00
CA ILE B 137 -5.95 13.02 19.26
CA ILE B 137 -5.96 13.02 19.29
C ILE B 137 -6.03 14.49 19.61
N GLY B 138 -6.44 14.78 20.87
CA GLY B 138 -6.44 16.18 21.33
C GLY B 138 -5.07 16.57 21.83
N LEU B 139 -4.33 17.28 21.03
CA LEU B 139 -2.92 17.53 21.36
C LEU B 139 -2.68 18.97 21.15
N PRO B 140 -2.89 19.76 22.21
CA PRO B 140 -2.73 21.21 22.02
C PRO B 140 -1.35 21.63 21.59
N ARG B 141 -1.30 22.66 20.75
CA ARG B 141 0.02 23.11 20.22
C ARG B 141 0.87 23.60 21.44
N GLU B 142 2.18 23.37 21.36
CA GLU B 142 3.18 24.00 22.27
C GLU B 142 4.19 24.76 21.45
N ALA B 143 4.90 25.70 22.10
CA ALA B 143 5.95 26.49 21.40
C ALA B 143 6.92 25.59 20.70
N GLY B 144 7.23 25.95 19.44
CA GLY B 144 8.23 25.23 18.60
C GLY B 144 7.79 23.89 18.00
N ASP B 145 6.53 23.48 18.19
CA ASP B 145 6.05 22.25 17.45
C ASP B 145 6.17 22.43 15.99
N ALA B 146 6.30 21.33 15.27
CA ALA B 146 6.15 21.36 13.81
C ALA B 146 4.65 21.34 13.55
N LEU B 147 4.24 22.22 12.64
CA LEU B 147 2.80 22.43 12.38
C LEU B 147 2.43 22.10 10.93
N ALA B 148 1.17 21.66 10.75
CA ALA B 148 0.67 21.40 9.39
C ALA B 148 0.60 22.68 8.60
N PRO B 149 0.88 22.61 7.29
CA PRO B 149 0.54 23.77 6.42
C PRO B 149 -0.96 24.09 6.55
N VAL B 150 -1.26 25.37 6.46
CA VAL B 150 -2.63 25.84 6.55
C VAL B 150 -3.31 25.78 5.17
N LEU B 151 -4.44 25.07 5.11
CA LEU B 151 -5.19 24.98 3.85
C LEU B 151 -6.18 26.09 3.79
N ASP B 152 -6.02 26.96 2.81
CA ASP B 152 -6.90 28.19 2.71
C ASP B 152 -8.15 27.83 1.92
N GLU B 153 -8.95 28.88 1.64
CA GLU B 153 -10.29 28.58 1.01
C GLU B 153 -10.25 28.22 -0.48
N THR B 154 -9.04 28.05 -1.06
CA THR B 154 -8.98 27.61 -2.43
C THR B 154 -9.05 26.09 -2.54
N TRP B 155 -8.77 25.34 -1.48
CA TRP B 155 -8.77 23.88 -1.54
C TRP B 155 -10.13 23.23 -1.40
N ARG B 156 -10.30 22.09 -2.02
CA ARG B 156 -11.51 21.27 -1.86
C ARG B 156 -11.05 19.83 -1.62
N GLY B 157 -11.78 19.02 -0.85
CA GLY B 157 -11.23 17.72 -0.58
C GLY B 157 -12.33 16.74 -0.39
N GLU B 158 -11.91 15.49 -0.22
CA GLU B 158 -12.77 14.46 0.21
C GLU B 158 -12.20 13.89 1.52
N THR B 159 -13.09 13.51 2.41
CA THR B 159 -12.74 13.03 3.77
C THR B 159 -13.12 11.58 3.83
N GLY B 160 -12.17 10.76 4.18
CA GLY B 160 -12.44 9.38 4.34
C GLY B 160 -13.06 9.09 5.69
N GLU B 161 -13.57 7.86 5.81
CA GLU B 161 -14.18 7.46 7.08
C GLU B 161 -13.11 7.32 8.20
N TRP B 162 -13.51 7.55 9.47
CA TRP B 162 -12.61 7.15 10.55
C TRP B 162 -12.36 5.67 10.65
N ARG B 163 -11.14 5.25 10.93
CA ARG B 163 -10.84 3.85 11.18
C ARG B 163 -10.03 3.75 12.45
N PHE B 164 -9.98 2.58 13.06
CA PHE B 164 -9.04 2.36 14.16
C PHE B 164 -7.77 1.63 13.73
N SER B 165 -6.61 2.06 14.27
CA SER B 165 -5.36 1.28 14.18
C SER B 165 -5.48 0.04 15.09
N ARG B 166 -4.51 -0.88 15.01
CA ARG B 166 -4.50 -2.07 15.89
C ARG B 166 -4.53 -1.62 17.33
N SER B 167 -3.85 -0.49 17.70
CA SER B 167 -3.76 -0.08 19.06
C SER B 167 -5.04 0.68 19.51
N GLY B 168 -5.94 1.01 18.57
CA GLY B 168 -7.18 1.78 18.94
C GLY B 168 -7.06 3.29 18.71
N LEU B 169 -5.96 3.76 18.12
CA LEU B 169 -5.88 5.16 17.68
C LEU B 169 -6.76 5.37 16.43
N ARG B 170 -7.64 6.35 16.48
CA ARG B 170 -8.56 6.63 15.39
C ARG B 170 -7.92 7.64 14.38
N TYR B 171 -8.08 7.35 13.07
CA TYR B 171 -7.48 8.25 12.05
C TYR B 171 -8.38 8.25 10.80
N ARG B 172 -8.18 9.23 9.91
CA ARG B 172 -8.88 9.29 8.67
C ARG B 172 -7.97 9.95 7.68
N LEU B 173 -8.27 9.75 6.41
CA LEU B 173 -7.45 10.28 5.27
C LEU B 173 -8.22 11.34 4.49
N TYR B 174 -7.60 12.45 4.20
CA TYR B 174 -8.18 13.41 3.32
C TYR B 174 -7.35 13.51 2.06
N SER B 175 -8.00 13.80 0.94
CA SER B 175 -7.32 14.14 -0.30
C SER B 175 -7.80 15.47 -0.75
N TYR B 176 -6.99 16.49 -0.65
CA TYR B 176 -7.33 17.83 -1.08
C TYR B 176 -6.72 18.14 -2.44
N HIS B 177 -7.36 19.07 -3.16
CA HIS B 177 -6.92 19.43 -4.48
C HIS B 177 -7.37 20.86 -4.83
N ARG B 178 -6.72 21.45 -5.81
CA ARG B 178 -7.10 22.79 -6.33
C ARG B 178 -6.39 22.94 -7.67
N SER B 179 -6.88 23.90 -8.48
CA SER B 179 -6.18 24.43 -9.64
C SER B 179 -4.95 25.30 -9.24
PB ATR C . -11.90 -21.94 -10.61
O1B ATR C . -13.28 -22.35 -11.15
O2B ATR C . -11.11 -22.92 -9.79
O3B ATR C . -12.26 -20.60 -9.95
PA ATR C . -9.71 -20.54 -12.06
O1A ATR C . -8.69 -21.25 -11.33
O2A ATR C . -9.74 -19.08 -11.87
O3A ATR C . -11.12 -21.26 -11.90
O5' ATR C . -9.57 -20.71 -13.65
C5' ATR C . -9.54 -22.05 -14.24
C4' ATR C . -9.17 -21.79 -15.68
O4' ATR C . -7.73 -21.63 -15.72
C3' ATR C . -9.39 -23.04 -16.51
O3' ATR C . -10.78 -23.28 -16.90
C2' ATR C . -8.49 -22.83 -17.67
O2' ATR C . -8.95 -21.76 -18.49
P2' ATR C . -9.86 -21.99 -19.84
O1P ATR C . -9.15 -23.01 -20.65
O2P ATR C . -11.23 -22.41 -19.36
O3P ATR C . -9.91 -20.65 -20.50
C1' ATR C . -7.28 -22.30 -16.90
N9 ATR C . -6.33 -23.31 -16.50
C8 ATR C . -6.24 -24.05 -15.36
N7 ATR C . -5.18 -24.89 -15.39
C5 ATR C . -4.48 -24.63 -16.52
C6 ATR C . -3.29 -25.12 -17.11
N6 ATR C . -2.53 -26.11 -16.54
N1 ATR C . -2.94 -24.55 -18.27
C2 ATR C . -3.69 -23.62 -18.86
N3 ATR C . -4.84 -23.11 -18.39
C4 ATR C . -5.23 -23.60 -17.24
C1 TOP D . -8.75 -11.68 -1.80
N2 TOP D . -8.04 -11.59 -0.61
C3 TOP D . -6.78 -12.15 -0.55
N4 TOP D . -6.11 -12.00 0.65
N5 TOP D . -6.22 -12.84 -1.56
C6 TOP D . -6.93 -12.97 -2.69
N7 TOP D . -6.31 -13.62 -3.68
C8 TOP D . -8.22 -12.34 -2.87
C9 TOP D . -9.06 -12.43 -4.16
C10 TOP D . -8.84 -11.23 -5.06
C11 TOP D . -8.66 -11.54 -6.41
C12 TOP D . -8.56 -10.46 -7.32
O13 TOP D . -8.36 -10.55 -8.67
C14 TOP D . -8.55 -11.85 -9.22
C15 TOP D . -8.56 -9.13 -6.90
O16 TOP D . -8.45 -8.01 -7.73
C17 TOP D . -9.63 -7.76 -8.50
C18 TOP D . -8.77 -8.85 -5.56
O19 TOP D . -8.83 -7.53 -5.18
C20 TOP D . -8.99 -7.23 -3.81
C21 TOP D . -8.85 -9.88 -4.60
PB ATR E . 12.56 22.48 9.25
O1B ATR E . 11.73 21.17 9.41
O2B ATR E . 13.42 22.89 10.46
O3B ATR E . 11.61 23.56 8.81
PA ATR E . 13.41 21.68 6.52
O1A ATR E . 12.33 22.36 5.85
O2A ATR E . 13.45 20.17 6.43
O3A ATR E . 13.60 22.18 8.05
O5' ATR E . 14.85 22.14 5.96
C5' ATR E . 15.26 23.53 6.04
C4' ATR E . 16.49 23.62 5.14
O4' ATR E . 16.06 23.63 3.77
C3' ATR E . 17.28 24.91 5.33
O3' ATR E . 18.07 24.85 6.47
C2' ATR E . 18.01 25.00 3.97
O2' ATR E . 19.06 24.08 3.95
P2' ATR E . 20.60 24.56 4.23
O1P ATR E . 20.90 25.63 3.21
O2P ATR E . 20.61 25.13 5.68
O3P ATR E . 21.41 23.29 4.08
C1' ATR E . 16.96 24.45 2.98
N9 ATR E . 16.12 25.57 2.47
C8 ATR E . 15.06 26.19 3.12
N7 ATR E . 14.63 27.16 2.34
C5 ATR E . 15.37 27.21 1.17
C6 ATR E . 15.40 28.02 0.01
N6 ATR E . 14.57 29.03 -0.19
N1 ATR E . 16.30 27.68 -0.89
C2 ATR E . 17.21 26.66 -0.78
N3 ATR E . 17.26 25.89 0.32
C4 ATR E . 16.35 26.16 1.28
C1 TOP F . 4.39 10.87 7.88
N2 TOP F . 3.13 10.66 7.47
C3 TOP F . 2.63 11.29 6.41
N4 TOP F . 1.34 10.98 6.03
N5 TOP F . 3.29 12.18 5.69
C6 TOP F . 4.59 12.48 6.08
N7 TOP F . 5.22 13.41 5.38
C8 TOP F . 5.15 11.77 7.22
C9 TOP F . 6.58 12.05 7.62
C10 TOP F . 7.63 11.10 7.03
C11 TOP F . 8.84 11.60 6.51
C12 TOP F . 9.78 10.70 6.04
O13 TOP F . 11.03 11.10 5.60
C14 TOP F . 11.40 12.48 5.84
C15 TOP F . 9.56 9.31 6.06
O16 TOP F . 10.53 8.44 5.61
C17 TOP F . 11.50 8.12 6.62
C18 TOP F . 8.36 8.86 6.49
O19 TOP F . 8.22 7.52 6.49
C20 TOP F . 7.00 6.86 6.87
C21 TOP F . 7.38 9.70 6.99
#